data_6WJK
#
_entry.id   6WJK
#
_cell.length_a   179.251
_cell.length_b   179.251
_cell.length_c   48.138
_cell.angle_alpha   90.000
_cell.angle_beta   90.000
_cell.angle_gamma   120.000
#
_symmetry.space_group_name_H-M   'H 3'
#
loop_
_entity.id
_entity.type
_entity.pdbx_description
1 polymer 'DNA (32-MER)'
2 polymer "DNA (5'-D(P*AP*GP*CP*AP*TP*GP*A)-3')"
3 polymer "DNA (5'-D(P*GP*TP*CP*AP*G)-3')"
4 polymer "DNA (5'-D(*TP*GP*GP*AP*AP*AP*CP*AP*GP*AP*CP*TP*GP*TP*CP*AP*GP*AP*TP*G)-3')"
#
loop_
_entity_poly.entity_id
_entity_poly.type
_entity_poly.pdbx_seq_one_letter_code
_entity_poly.pdbx_strand_id
1 'polydeoxyribonucleotide'
;(DC)(DA)(DC)(DT)(DG)(DA)(DC)(DT)(DC)(DA)(DT)(DG)(DC)(DT)(DC)(DA)(DT)(DC)(DT)(DG)
(DA)(DC)(DA)(DG)(DT)(DC)(DT)(DG)(DT)(DT)(DT)(DC)
;
B
2 'polydeoxyribonucleotide' (DA)(DG)(DC)(DA)(DT)(DG)(DA) C
3 'polydeoxyribonucleotide' (DG)(DT)(DC)(DA)(DG) D
4 'polydeoxyribonucleotide' (DT)(DG)(DG)(DA)(DA)(DA)(DC)(DA)(DG)(DA)(DC)(DT)(DG)(DT)(DC)(DA)(DG)(DA)(DT)(DG) A
#